data_7BCM
#
_entry.id   7BCM
#
_cell.length_a   56.223
_cell.length_b   120.402
_cell.length_c   62.095
_cell.angle_alpha   90.000
_cell.angle_beta   111.348
_cell.angle_gamma   90.000
#
_symmetry.space_group_name_H-M   'P 1 21 1'
#
loop_
_entity.id
_entity.type
_entity.pdbx_description
1 polymer 'Epithelial discoidin domain-containing receptor 1'
2 non-polymer ~{N}-[[4-[[(2~{S})-4-cyclohexyl-1-[[(3~{S})-1-methylsulfonylpiperidin-3-yl]amino]-1-oxidanylidene-butan-2-yl]carbamoyl]phenyl]methyl]imidazo[1,2-a]pyridine-3-carboxamide
3 water water
#
_entity_poly.entity_id   1
_entity_poly.type   'polypeptide(L)'
_entity_poly.pdbx_seq_one_letter_code
;SMPRVDFPRSRLRFKEKLGEGQFGEVHLCEVDSPQDLVSLDFPLNVRKGHPLLVAVKILRPDATKNARNDFLKEVKIMSR
LKDPNIIRLLGVCVQDDPLCMITDYMENGDLNQFLSAHQLEDKAAEGAPGDGQAAQGPTISYPMLLHVAAQIASGMRYLA
TLNFVHRDLATRNCLVGENFTIKIADFGMSRNLYAGDYYRVQGRAVLPIRWMAWECILMGKFTTASDVWAFGVTLWEVLM
LCRAQPFGQLTDEQVIENAGEFFRDQGRQVYLSRPPACPQGLYELMLRCWSRESEQRPPFSQLHRFLAEDALNTV
;
_entity_poly.pdbx_strand_id   A,B
#
# COMPACT_ATOMS: atom_id res chain seq x y z
N ASP A 6 -27.33 -14.57 -33.22
CA ASP A 6 -25.86 -14.27 -33.18
C ASP A 6 -25.36 -12.96 -33.82
N PHE A 7 -24.53 -12.22 -33.11
CA PHE A 7 -23.62 -11.29 -33.77
C PHE A 7 -22.83 -12.03 -34.85
N PRO A 8 -22.57 -11.38 -36.00
CA PRO A 8 -21.74 -12.00 -37.05
C PRO A 8 -20.25 -11.88 -36.79
N ARG A 9 -19.55 -13.04 -36.83
CA ARG A 9 -18.10 -13.09 -36.73
C ARG A 9 -17.43 -12.28 -37.84
N SER A 10 -18.00 -12.31 -39.04
CA SER A 10 -17.51 -11.61 -40.22
C SER A 10 -17.59 -10.10 -40.07
N ARG A 11 -18.23 -9.59 -39.02
CA ARG A 11 -18.18 -8.17 -38.77
C ARG A 11 -17.15 -7.75 -37.71
N LEU A 12 -16.30 -8.69 -37.22
CA LEU A 12 -15.31 -8.40 -36.17
C LEU A 12 -13.93 -8.43 -36.81
N ARG A 13 -13.31 -7.26 -36.98
CA ARG A 13 -11.99 -7.18 -37.61
C ARG A 13 -10.94 -7.12 -36.54
N PHE A 14 -10.13 -8.17 -36.44
CA PHE A 14 -9.15 -8.24 -35.39
C PHE A 14 -8.22 -7.03 -35.45
N LYS A 15 -7.97 -6.43 -34.29
CA LYS A 15 -7.04 -5.33 -34.13
C LYS A 15 -5.82 -5.72 -33.31
N GLU A 16 -6.05 -6.37 -32.16
CA GLU A 16 -5.05 -6.53 -31.10
C GLU A 16 -5.53 -7.58 -30.11
N LYS A 17 -4.57 -8.33 -29.55
CA LYS A 17 -4.83 -9.22 -28.42
C LYS A 17 -4.74 -8.43 -27.13
N LEU A 18 -5.33 -8.98 -26.07
CA LEU A 18 -5.50 -8.22 -24.83
C LEU A 18 -5.39 -9.17 -23.66
N GLY A 24 -7.71 -18.67 -23.15
CA GLY A 24 -8.83 -17.84 -23.55
C GLY A 24 -8.42 -16.39 -23.54
N GLU A 25 -8.65 -15.83 -24.71
CA GLU A 25 -8.03 -14.62 -25.18
C GLU A 25 -9.08 -13.54 -25.22
N VAL A 26 -8.66 -12.30 -25.05
CA VAL A 26 -9.55 -11.18 -25.28
C VAL A 26 -8.96 -10.36 -26.43
N HIS A 27 -9.75 -10.18 -27.49
CA HIS A 27 -9.29 -9.54 -28.70
C HIS A 27 -9.94 -8.17 -28.86
N LEU A 28 -9.13 -7.11 -28.95
CA LEU A 28 -9.65 -5.82 -29.37
C LEU A 28 -10.13 -5.90 -30.81
N CYS A 29 -11.35 -5.42 -31.07
CA CYS A 29 -11.87 -5.50 -32.42
C CYS A 29 -12.55 -4.19 -32.80
N GLU A 30 -12.69 -3.97 -34.11
CA GLU A 30 -13.47 -2.85 -34.59
C GLU A 30 -14.54 -3.33 -35.57
N VAL A 31 -15.64 -2.57 -35.58
CA VAL A 31 -16.85 -2.94 -36.29
C VAL A 31 -17.28 -1.73 -37.08
N ASP A 32 -17.46 -1.89 -38.39
CA ASP A 32 -17.94 -0.81 -39.24
C ASP A 32 -19.45 -0.71 -39.19
N SER A 33 -19.94 0.53 -39.21
CA SER A 33 -21.35 0.89 -39.28
C SER A 33 -22.22 0.00 -38.37
N PRO A 34 -22.00 0.03 -37.06
CA PRO A 34 -22.59 -0.98 -36.16
C PRO A 34 -24.09 -0.89 -36.00
N GLN A 35 -24.74 0.02 -36.70
CA GLN A 35 -26.12 0.36 -36.40
C GLN A 35 -27.14 -0.68 -36.91
N HIS A 50 -15.45 7.42 -37.10
CA HIS A 50 -14.68 6.33 -36.49
C HIS A 50 -15.48 5.00 -36.39
N PRO A 51 -14.82 3.88 -36.68
CA PRO A 51 -15.44 2.56 -36.41
C PRO A 51 -15.49 2.21 -34.92
N LEU A 52 -16.54 1.46 -34.54
CA LEU A 52 -16.72 1.08 -33.13
C LEU A 52 -15.69 0.05 -32.70
N LEU A 53 -15.01 0.30 -31.57
CA LEU A 53 -14.13 -0.68 -30.96
C LEU A 53 -14.93 -1.51 -29.95
N VAL A 54 -14.68 -2.81 -29.95
CA VAL A 54 -15.35 -3.72 -29.04
C VAL A 54 -14.30 -4.70 -28.51
N ALA A 55 -14.55 -5.22 -27.33
CA ALA A 55 -13.66 -6.22 -26.75
C ALA A 55 -14.33 -7.58 -26.91
N VAL A 56 -13.57 -8.57 -27.35
CA VAL A 56 -14.13 -9.88 -27.66
C VAL A 56 -13.41 -10.92 -26.83
N LYS A 57 -14.12 -11.51 -25.89
CA LYS A 57 -13.59 -12.59 -25.06
C LYS A 57 -13.91 -13.91 -25.75
N ILE A 58 -12.87 -14.70 -26.00
CA ILE A 58 -12.97 -15.93 -26.78
C ILE A 58 -12.63 -17.10 -25.87
N LEU A 59 -13.53 -18.07 -25.81
CA LEU A 59 -13.35 -19.33 -25.11
C LEU A 59 -12.65 -20.29 -26.09
N ARG A 60 -11.46 -20.66 -25.78
CA ARG A 60 -10.69 -21.77 -26.36
C ARG A 60 -11.61 -22.96 -26.68
N PRO A 61 -11.44 -23.69 -27.80
CA PRO A 61 -12.32 -24.84 -28.05
C PRO A 61 -11.84 -26.10 -27.38
N ASP A 62 -10.63 -26.13 -26.84
CA ASP A 62 -10.25 -27.17 -25.89
C ASP A 62 -10.83 -26.93 -24.49
N ALA A 63 -11.73 -25.96 -24.34
CA ALA A 63 -12.23 -25.58 -23.02
C ALA A 63 -13.00 -26.73 -22.41
N THR A 64 -12.78 -26.94 -21.13
CA THR A 64 -13.55 -27.95 -20.41
C THR A 64 -15.06 -27.62 -20.40
N LYS A 65 -15.85 -28.63 -20.05
CA LYS A 65 -17.30 -28.43 -19.94
C LYS A 65 -17.66 -27.44 -18.83
N ASN A 66 -16.94 -27.50 -17.68
CA ASN A 66 -17.13 -26.53 -16.58
C ASN A 66 -16.89 -25.11 -17.06
N ALA A 67 -15.80 -24.88 -17.79
CA ALA A 67 -15.48 -23.56 -18.35
C ALA A 67 -16.57 -23.09 -19.32
N ARG A 68 -17.06 -23.99 -20.19
CA ARG A 68 -18.12 -23.63 -21.13
C ARG A 68 -19.40 -23.21 -20.40
N ASN A 69 -19.81 -23.97 -19.37
CA ASN A 69 -20.97 -23.64 -18.54
C ASN A 69 -20.81 -22.26 -17.91
N ASP A 70 -19.61 -21.99 -17.36
CA ASP A 70 -19.38 -20.69 -16.74
C ASP A 70 -19.52 -19.55 -17.74
N PHE A 71 -19.06 -19.76 -18.96
CA PHE A 71 -19.15 -18.75 -20.00
C PHE A 71 -20.61 -18.55 -20.43
N LEU A 72 -21.40 -19.62 -20.51
CA LEU A 72 -22.81 -19.42 -20.81
C LEU A 72 -23.55 -18.70 -19.68
N LYS A 73 -23.17 -18.91 -18.42
CA LYS A 73 -23.84 -18.16 -17.36
C LYS A 73 -23.34 -16.72 -17.30
N GLU A 74 -22.06 -16.50 -17.50
CA GLU A 74 -21.60 -15.13 -17.65
C GLU A 74 -22.37 -14.39 -18.77
N VAL A 75 -22.66 -15.06 -19.88
CA VAL A 75 -23.47 -14.41 -20.91
C VAL A 75 -24.87 -14.10 -20.37
N LYS A 76 -25.47 -15.03 -19.63
CA LYS A 76 -26.87 -14.81 -19.18
C LYS A 76 -26.96 -13.61 -18.23
N ILE A 77 -25.98 -13.47 -17.33
CA ILE A 77 -26.03 -12.42 -16.33
C ILE A 77 -25.79 -11.07 -16.98
N MET A 78 -24.77 -11.00 -17.83
CA MET A 78 -24.46 -9.72 -18.47
C MET A 78 -25.67 -9.24 -19.28
N SER A 79 -26.34 -10.18 -19.96
CA SER A 79 -27.44 -9.82 -20.85
C SER A 79 -28.44 -8.88 -20.21
N ARG A 80 -28.77 -9.10 -18.93
CA ARG A 80 -29.77 -8.30 -18.21
C ARG A 80 -29.25 -6.96 -17.69
N LEU A 81 -27.99 -6.60 -17.94
CA LEU A 81 -27.37 -5.47 -17.24
C LEU A 81 -27.09 -4.35 -18.24
N LYS A 82 -27.82 -3.24 -18.10
CA LYS A 82 -27.92 -2.20 -19.11
C LYS A 82 -27.86 -0.86 -18.39
N ASP A 83 -26.63 -0.37 -18.15
CA ASP A 83 -26.42 0.91 -17.42
C ASP A 83 -25.12 1.61 -17.81
N PRO A 84 -25.11 2.95 -17.87
CA PRO A 84 -23.89 3.68 -18.30
C PRO A 84 -22.62 3.28 -17.56
N ASN A 85 -22.73 2.77 -16.33
CA ASN A 85 -21.56 2.53 -15.51
C ASN A 85 -21.36 1.04 -15.21
N ILE A 86 -21.89 0.18 -16.06
CA ILE A 86 -21.68 -1.27 -15.98
C ILE A 86 -21.27 -1.73 -17.36
N ILE A 87 -20.29 -2.62 -17.42
CA ILE A 87 -19.89 -3.17 -18.70
C ILE A 87 -21.12 -3.76 -19.40
N ARG A 88 -21.17 -3.63 -20.73
CA ARG A 88 -22.37 -3.94 -21.52
C ARG A 88 -22.10 -5.07 -22.48
N LEU A 89 -23.00 -6.07 -22.49
CA LEU A 89 -22.92 -7.15 -23.47
C LEU A 89 -23.48 -6.67 -24.80
N LEU A 90 -22.62 -6.53 -25.81
CA LEU A 90 -23.03 -6.00 -27.10
C LEU A 90 -23.60 -7.05 -28.04
N GLY A 91 -23.17 -8.29 -27.90
CA GLY A 91 -23.53 -9.36 -28.83
C GLY A 91 -22.80 -10.63 -28.44
N VAL A 92 -23.27 -11.74 -29.00
CA VAL A 92 -22.60 -13.02 -28.79
C VAL A 92 -22.45 -13.73 -30.12
N CYS A 93 -21.58 -14.74 -30.11
CA CYS A 93 -21.49 -15.73 -31.18
C CYS A 93 -21.39 -17.07 -30.49
N VAL A 94 -22.51 -17.80 -30.38
CA VAL A 94 -22.45 -19.07 -29.66
C VAL A 94 -22.97 -20.24 -30.49
N GLN A 95 -23.63 -19.95 -31.61
CA GLN A 95 -24.21 -21.05 -32.38
C GLN A 95 -23.14 -21.98 -32.92
N ASP A 96 -21.99 -21.44 -33.26
CA ASP A 96 -20.84 -22.25 -33.64
C ASP A 96 -19.76 -22.07 -32.57
N ASP A 97 -18.64 -22.81 -32.72
CA ASP A 97 -17.42 -22.70 -31.92
C ASP A 97 -16.36 -21.91 -32.67
N PRO A 98 -15.49 -21.12 -32.01
CA PRO A 98 -15.33 -20.83 -30.58
C PRO A 98 -16.43 -19.90 -30.02
N LEU A 99 -16.72 -20.00 -28.71
CA LEU A 99 -17.77 -19.18 -28.11
C LEU A 99 -17.24 -17.78 -27.86
N CYS A 100 -18.02 -16.76 -28.25
CA CYS A 100 -17.57 -15.38 -28.20
C CYS A 100 -18.58 -14.54 -27.44
N MET A 101 -18.08 -13.68 -26.58
CA MET A 101 -18.90 -12.60 -26.06
C MET A 101 -18.22 -11.29 -26.37
N ILE A 102 -19.03 -10.28 -26.62
CA ILE A 102 -18.57 -9.01 -27.13
C ILE A 102 -19.06 -7.93 -26.18
N THR A 103 -18.13 -7.18 -25.61
CA THR A 103 -18.44 -6.11 -24.68
C THR A 103 -17.96 -4.80 -25.27
N ASP A 104 -18.32 -3.71 -24.61
CA ASP A 104 -17.73 -2.48 -25.06
C ASP A 104 -16.27 -2.44 -24.61
N TYR A 105 -15.46 -1.65 -25.32
CA TYR A 105 -14.03 -1.61 -25.07
C TYR A 105 -13.71 -0.36 -24.26
N MET A 106 -13.02 -0.52 -23.15
CA MET A 106 -12.61 0.61 -22.30
C MET A 106 -11.10 0.86 -22.48
N GLU A 107 -10.74 1.88 -23.27
CA GLU A 107 -9.37 2.35 -23.59
C GLU A 107 -8.30 2.36 -22.50
N ASN A 108 -8.62 2.66 -21.24
CA ASN A 108 -7.54 2.88 -20.29
C ASN A 108 -7.40 1.73 -19.29
N GLY A 109 -7.96 0.55 -19.60
CA GLY A 109 -7.73 -0.67 -18.78
C GLY A 109 -8.33 -0.48 -17.42
N ASP A 110 -7.95 -1.33 -16.46
CA ASP A 110 -8.68 -1.23 -15.20
C ASP A 110 -8.26 0.02 -14.42
N LEU A 111 -9.15 0.44 -13.52
CA LEU A 111 -9.02 1.67 -12.76
C LEU A 111 -7.85 1.65 -11.77
N ASN A 112 -7.42 0.46 -11.35
CA ASN A 112 -6.30 0.36 -10.43
C ASN A 112 -5.01 0.77 -11.14
N GLN A 113 -4.70 0.12 -12.27
CA GLN A 113 -3.49 0.48 -13.02
C GLN A 113 -3.54 1.94 -13.48
N PHE A 114 -4.74 2.41 -13.86
CA PHE A 114 -4.92 3.76 -14.38
C PHE A 114 -4.56 4.82 -13.35
N LEU A 115 -5.02 4.64 -12.11
CA LEU A 115 -4.76 5.67 -11.10
C LEU A 115 -3.34 5.56 -10.54
N SER A 116 -2.82 4.33 -10.49
CA SER A 116 -1.45 4.09 -10.07
C SER A 116 -0.49 4.87 -10.93
N ALA A 117 -0.79 4.98 -12.22
CA ALA A 117 -0.05 5.80 -13.17
C ALA A 117 -0.34 7.30 -13.06
N HIS A 118 -1.11 7.75 -12.06
CA HIS A 118 -1.44 9.17 -11.97
C HIS A 118 -1.00 9.69 -10.62
N GLN A 119 -0.90 11.00 -10.53
CA GLN A 119 -0.64 11.69 -9.27
C GLN A 119 -1.63 12.85 -9.11
N LEU A 120 -1.87 13.29 -7.88
CA LEU A 120 -2.88 14.31 -7.62
C LEU A 120 -2.39 15.68 -8.09
N GLU A 121 -3.25 16.49 -8.72
CA GLU A 121 -2.78 17.84 -9.07
C GLU A 121 -2.37 18.64 -7.85
N ASP A 122 -1.34 19.46 -8.06
CA ASP A 122 -0.87 20.46 -7.12
C ASP A 122 -1.25 21.85 -7.66
N GLY A 137 3.81 14.05 -13.82
CA GLY A 137 2.46 13.57 -14.14
C GLY A 137 2.48 12.21 -14.84
N PRO A 138 1.36 11.77 -15.43
CA PRO A 138 0.09 12.47 -15.41
C PRO A 138 -0.51 12.61 -14.03
N THR A 139 -1.62 13.31 -14.12
CA THR A 139 -2.12 14.08 -13.02
C THR A 139 -3.63 14.08 -13.11
N ILE A 140 -4.29 14.00 -11.96
CA ILE A 140 -5.74 14.00 -11.94
C ILE A 140 -6.20 14.91 -10.81
N SER A 141 -7.16 15.76 -11.10
CA SER A 141 -7.64 16.67 -10.07
C SER A 141 -8.45 15.91 -9.02
N TYR A 142 -8.54 16.51 -7.83
CA TYR A 142 -9.51 16.03 -6.84
C TYR A 142 -10.94 15.91 -7.41
N PRO A 143 -11.53 16.94 -8.05
CA PRO A 143 -12.90 16.75 -8.57
C PRO A 143 -13.03 15.53 -9.46
N MET A 144 -12.00 15.24 -10.28
CA MET A 144 -12.10 14.11 -11.19
C MET A 144 -12.18 12.79 -10.41
N LEU A 145 -11.48 12.71 -9.28
CA LEU A 145 -11.52 11.54 -8.43
C LEU A 145 -12.92 11.30 -7.91
N LEU A 146 -13.66 12.38 -7.64
CA LEU A 146 -15.03 12.24 -7.15
C LEU A 146 -15.98 11.79 -8.27
N HIS A 147 -15.80 12.38 -9.46
CA HIS A 147 -16.52 11.99 -10.65
C HIS A 147 -16.29 10.52 -11.02
N VAL A 148 -15.06 10.03 -10.86
CA VAL A 148 -14.78 8.58 -10.92
C VAL A 148 -15.57 7.84 -9.84
N ALA A 149 -15.51 8.33 -8.59
CA ALA A 149 -16.13 7.64 -7.47
C ALA A 149 -17.65 7.64 -7.60
N ALA A 150 -18.21 8.78 -8.07
CA ALA A 150 -19.66 8.88 -8.29
C ALA A 150 -20.17 7.91 -9.35
N GLN A 151 -19.40 7.66 -10.42
CA GLN A 151 -19.89 6.76 -11.46
C GLN A 151 -19.96 5.33 -10.94
N ILE A 152 -18.96 4.90 -10.18
CA ILE A 152 -19.01 3.58 -9.56
C ILE A 152 -20.26 3.49 -8.67
N ALA A 153 -20.57 4.59 -7.97
CA ALA A 153 -21.72 4.63 -7.09
C ALA A 153 -23.02 4.59 -7.91
N SER A 154 -23.10 5.40 -8.97
CA SER A 154 -24.23 5.34 -9.88
C SER A 154 -24.39 3.92 -10.44
N GLY A 155 -23.27 3.26 -10.74
CA GLY A 155 -23.34 1.89 -11.23
C GLY A 155 -23.81 0.88 -10.18
N MET A 156 -23.27 0.95 -8.97
CA MET A 156 -23.79 0.10 -7.90
C MET A 156 -25.27 0.37 -7.60
N ARG A 157 -25.71 1.64 -7.71
CA ARG A 157 -27.10 2.00 -7.45
C ARG A 157 -28.02 1.29 -8.45
N TYR A 158 -27.61 1.30 -9.72
CA TYR A 158 -28.38 0.57 -10.71
C TYR A 158 -28.52 -0.88 -10.30
N LEU A 159 -27.41 -1.50 -9.91
CA LEU A 159 -27.48 -2.92 -9.59
C LEU A 159 -28.33 -3.16 -8.34
N ALA A 160 -28.37 -2.18 -7.44
CA ALA A 160 -29.15 -2.38 -6.24
C ALA A 160 -30.65 -2.38 -6.55
N THR A 161 -31.08 -1.60 -7.55
CA THR A 161 -32.47 -1.64 -8.04
C THR A 161 -32.85 -3.01 -8.59
N LEU A 162 -31.89 -3.90 -8.83
CA LEU A 162 -32.19 -5.28 -9.22
C LEU A 162 -31.90 -6.29 -8.10
N ASN A 163 -31.55 -5.84 -6.90
CA ASN A 163 -31.12 -6.78 -5.85
C ASN A 163 -29.98 -7.65 -6.39
N PHE A 164 -29.19 -7.07 -7.28
CA PHE A 164 -28.00 -7.75 -7.73
C PHE A 164 -26.85 -7.37 -6.81
N VAL A 165 -26.25 -8.36 -6.18
CA VAL A 165 -25.09 -8.13 -5.31
C VAL A 165 -23.83 -8.43 -6.09
N HIS A 166 -22.93 -7.45 -6.14
CA HIS A 166 -21.68 -7.61 -6.88
C HIS A 166 -20.78 -8.69 -6.26
N ARG A 167 -20.46 -8.53 -4.95
CA ARG A 167 -19.65 -9.42 -4.13
C ARG A 167 -18.15 -9.17 -4.17
N ASP A 168 -17.62 -8.49 -5.19
CA ASP A 168 -16.18 -8.35 -5.22
C ASP A 168 -15.80 -6.98 -5.77
N LEU A 169 -16.47 -5.95 -5.27
CA LEU A 169 -16.27 -4.61 -5.79
C LEU A 169 -14.93 -4.09 -5.28
N ALA A 170 -14.15 -3.49 -6.20
CA ALA A 170 -12.79 -3.03 -5.95
C ALA A 170 -12.26 -2.36 -7.22
N THR A 171 -11.31 -1.40 -7.16
CA THR A 171 -10.96 -0.68 -8.41
C THR A 171 -10.42 -1.64 -9.47
N ARG A 172 -9.86 -2.78 -9.06
CA ARG A 172 -9.36 -3.77 -10.00
C ARG A 172 -10.49 -4.39 -10.83
N ASN A 173 -11.74 -4.20 -10.43
CA ASN A 173 -12.87 -4.68 -11.21
C ASN A 173 -13.58 -3.55 -11.96
N CYS A 174 -13.00 -2.35 -11.97
CA CYS A 174 -13.57 -1.25 -12.74
C CYS A 174 -12.66 -0.95 -13.92
N LEU A 175 -13.28 -0.55 -15.02
CA LEU A 175 -12.63 -0.25 -16.29
C LEU A 175 -12.77 1.22 -16.62
N VAL A 176 -11.77 1.75 -17.32
CA VAL A 176 -11.73 3.17 -17.64
C VAL A 176 -11.82 3.33 -19.14
N GLY A 177 -12.78 4.11 -19.59
CA GLY A 177 -12.85 4.47 -20.99
C GLY A 177 -12.36 5.88 -21.23
N GLU A 178 -12.99 6.53 -22.19
CA GLU A 178 -12.61 7.87 -22.59
C GLU A 178 -13.12 8.89 -21.59
N ASN A 179 -12.30 9.91 -21.33
CA ASN A 179 -12.65 11.02 -20.42
C ASN A 179 -13.09 10.50 -19.06
N PHE A 180 -12.37 9.51 -18.55
CA PHE A 180 -12.56 9.01 -17.20
C PHE A 180 -13.97 8.43 -16.98
N THR A 181 -14.62 7.94 -18.02
CA THR A 181 -15.84 7.16 -17.81
C THR A 181 -15.50 5.81 -17.16
N ILE A 182 -16.35 5.40 -16.22
CA ILE A 182 -16.09 4.20 -15.42
C ILE A 182 -17.18 3.16 -15.64
N LYS A 183 -16.77 1.93 -15.93
CA LYS A 183 -17.64 0.78 -16.07
C LYS A 183 -17.25 -0.24 -15.02
N ILE A 184 -18.21 -0.61 -14.20
CA ILE A 184 -17.98 -1.73 -13.30
C ILE A 184 -17.99 -3.00 -14.11
N ALA A 185 -17.13 -3.93 -13.72
CA ALA A 185 -17.05 -5.23 -14.35
C ALA A 185 -16.72 -6.19 -13.23
N ASP A 186 -16.51 -7.47 -13.58
CA ASP A 186 -16.00 -8.44 -12.59
C ASP A 186 -15.05 -9.40 -13.32
N PHE A 187 -13.75 -9.18 -13.14
CA PHE A 187 -12.77 -10.05 -13.77
C PHE A 187 -12.51 -11.29 -12.95
N GLY A 188 -13.20 -11.49 -11.88
CA GLY A 188 -12.96 -12.70 -11.18
C GLY A 188 -11.74 -12.62 -10.29
N MET A 189 -11.36 -13.80 -9.83
CA MET A 189 -10.50 -13.91 -8.67
C MET A 189 -9.17 -14.63 -8.88
N SER A 190 -8.72 -14.82 -10.13
CA SER A 190 -7.56 -15.67 -10.35
C SER A 190 -6.53 -15.02 -11.28
N ARG A 191 -6.49 -13.70 -11.36
CA ARG A 191 -5.43 -13.00 -12.08
C ARG A 191 -4.22 -12.80 -11.18
N ASN A 192 -3.02 -13.17 -11.66
CA ASN A 192 -1.82 -13.16 -10.82
C ASN A 192 -1.56 -11.77 -10.27
N LEU A 193 -1.77 -10.73 -11.10
CA LEU A 193 -1.53 -9.35 -10.71
C LEU A 193 -2.20 -8.98 -9.39
N TYR A 194 -3.25 -9.69 -9.00
CA TYR A 194 -4.02 -9.32 -7.82
C TYR A 194 -4.19 -10.48 -6.83
N ALA A 195 -3.41 -11.58 -7.01
CA ALA A 195 -3.54 -12.75 -6.12
C ALA A 195 -3.53 -12.35 -4.65
N GLY A 196 -2.58 -11.48 -4.27
CA GLY A 196 -2.48 -10.98 -2.92
C GLY A 196 -3.74 -10.37 -2.31
N ASP A 197 -4.73 -9.93 -3.13
CA ASP A 197 -5.98 -9.38 -2.59
C ASP A 197 -6.96 -10.48 -2.21
N TYR A 198 -6.55 -11.72 -2.30
CA TYR A 198 -7.48 -12.81 -2.09
C TYR A 198 -6.94 -13.75 -1.04
N TYR A 199 -7.80 -14.18 -0.14
CA TYR A 199 -7.48 -15.18 0.86
C TYR A 199 -8.05 -16.52 0.41
N ARG A 200 -7.19 -17.54 0.35
CA ARG A 200 -7.53 -18.85 -0.17
C ARG A 200 -7.29 -19.92 0.88
N VAL A 201 -8.26 -20.77 1.08
CA VAL A 201 -8.06 -21.99 1.83
C VAL A 201 -8.53 -23.11 0.91
N GLN A 202 -7.82 -24.24 1.00
CA GLN A 202 -8.17 -25.42 0.22
C GLN A 202 -9.65 -25.76 0.42
N GLY A 203 -10.35 -25.96 -0.69
CA GLY A 203 -11.71 -26.40 -0.59
C GLY A 203 -12.66 -25.35 -0.09
N ARG A 204 -12.25 -24.08 -0.10
CA ARG A 204 -13.15 -23.00 0.25
C ARG A 204 -13.25 -21.95 -0.85
N ALA A 205 -14.32 -21.19 -0.79
CA ALA A 205 -14.49 -20.06 -1.71
C ALA A 205 -13.39 -19.07 -1.41
N VAL A 206 -12.82 -18.52 -2.44
CA VAL A 206 -11.75 -17.58 -2.27
C VAL A 206 -12.37 -16.23 -1.91
N LEU A 207 -11.79 -15.54 -0.94
CA LEU A 207 -12.46 -14.42 -0.32
C LEU A 207 -11.66 -13.14 -0.42
N PRO A 208 -12.25 -12.02 -0.90
CA PRO A 208 -11.53 -10.72 -0.95
C PRO A 208 -11.65 -9.95 0.36
N ILE A 209 -11.01 -10.48 1.40
CA ILE A 209 -11.33 -10.16 2.79
C ILE A 209 -11.12 -8.69 3.13
N ARG A 210 -10.09 -8.03 2.52
CA ARG A 210 -9.80 -6.65 2.89
C ARG A 210 -10.86 -5.65 2.39
N TRP A 211 -11.75 -6.07 1.49
CA TRP A 211 -12.87 -5.31 0.99
C TRP A 211 -14.19 -5.75 1.62
N MET A 212 -14.17 -6.78 2.46
CA MET A 212 -15.38 -7.46 2.88
C MET A 212 -15.91 -6.93 4.22
N ALA A 213 -17.24 -6.71 4.29
CA ALA A 213 -17.88 -6.36 5.57
C ALA A 213 -17.57 -7.41 6.65
N TRP A 214 -17.55 -6.97 7.90
CA TRP A 214 -17.29 -7.92 8.99
C TRP A 214 -18.25 -9.10 8.94
N GLU A 215 -19.55 -8.85 8.70
CA GLU A 215 -20.51 -9.95 8.69
C GLU A 215 -20.16 -10.95 7.59
N CYS A 216 -19.68 -10.44 6.45
CA CYS A 216 -19.26 -11.29 5.34
C CYS A 216 -18.13 -12.22 5.73
N ILE A 217 -17.05 -11.63 6.30
CA ILE A 217 -15.90 -12.42 6.71
C ILE A 217 -16.31 -13.51 7.68
N LEU A 218 -17.29 -13.22 8.56
CA LEU A 218 -17.74 -14.18 9.57
C LEU A 218 -18.82 -15.14 9.05
N MET A 219 -19.48 -14.86 7.93
CA MET A 219 -20.62 -15.70 7.54
C MET A 219 -20.70 -16.10 6.08
N GLY A 220 -19.97 -15.46 5.15
CA GLY A 220 -20.21 -15.68 3.73
C GLY A 220 -21.51 -15.08 3.20
N LYS A 221 -22.05 -14.10 3.92
CA LYS A 221 -23.38 -13.55 3.68
C LYS A 221 -23.19 -12.20 2.98
N PHE A 222 -23.38 -12.19 1.68
CA PHE A 222 -23.17 -10.98 0.90
C PHE A 222 -24.49 -10.31 0.59
N THR A 223 -24.53 -9.01 0.77
CA THR A 223 -25.72 -8.22 0.53
C THR A 223 -25.34 -6.92 -0.14
N THR A 224 -26.35 -6.21 -0.57
CA THR A 224 -26.15 -4.84 -1.03
C THR A 224 -25.47 -4.01 0.03
N ALA A 225 -25.86 -4.20 1.29
CA ALA A 225 -25.20 -3.55 2.41
C ALA A 225 -23.72 -3.96 2.52
N SER A 226 -23.41 -5.21 2.17
CA SER A 226 -22.00 -5.52 2.20
C SER A 226 -21.33 -4.95 0.98
N ASP A 227 -22.05 -4.82 -0.14
CA ASP A 227 -21.49 -4.13 -1.29
C ASP A 227 -21.20 -2.67 -0.95
N VAL A 228 -22.07 -2.06 -0.14
CA VAL A 228 -21.80 -0.71 0.33
C VAL A 228 -20.48 -0.65 1.09
N TRP A 229 -20.27 -1.59 2.03
CA TRP A 229 -19.02 -1.63 2.77
C TRP A 229 -17.81 -1.65 1.83
N ALA A 230 -17.82 -2.56 0.85
CA ALA A 230 -16.76 -2.67 -0.15
C ALA A 230 -16.64 -1.40 -1.00
N PHE A 231 -17.77 -0.70 -1.24
CA PHE A 231 -17.68 0.55 -1.93
C PHE A 231 -16.90 1.55 -1.09
N GLY A 232 -17.16 1.58 0.23
CA GLY A 232 -16.33 2.36 1.10
C GLY A 232 -14.85 2.07 0.93
N VAL A 233 -14.49 0.78 0.76
CA VAL A 233 -13.05 0.48 0.57
C VAL A 233 -12.61 0.85 -0.85
N THR A 234 -13.51 0.78 -1.81
CA THR A 234 -13.17 1.24 -3.15
C THR A 234 -12.96 2.75 -3.21
N LEU A 235 -13.80 3.51 -2.49
CA LEU A 235 -13.64 4.97 -2.44
C LEU A 235 -12.35 5.36 -1.72
N TRP A 236 -12.00 4.62 -0.65
CA TRP A 236 -10.69 4.74 -0.03
C TRP A 236 -9.55 4.50 -1.04
N GLU A 237 -9.57 3.38 -1.80
CA GLU A 237 -8.54 3.16 -2.82
C GLU A 237 -8.40 4.33 -3.80
N VAL A 238 -9.53 4.76 -4.38
CA VAL A 238 -9.55 5.85 -5.36
C VAL A 238 -8.92 7.10 -4.77
N LEU A 239 -9.26 7.40 -3.50
CA LEU A 239 -8.71 8.57 -2.82
C LEU A 239 -7.23 8.38 -2.51
N MET A 240 -6.78 7.14 -2.35
CA MET A 240 -5.35 6.84 -2.23
C MET A 240 -4.64 6.81 -3.57
N LEU A 241 -5.37 7.08 -4.66
CA LEU A 241 -4.85 6.82 -6.00
C LEU A 241 -4.15 5.46 -6.04
N CYS A 242 -4.69 4.51 -5.26
CA CYS A 242 -4.27 3.12 -5.32
C CYS A 242 -2.81 2.93 -4.90
N ARG A 243 -2.27 3.81 -4.04
CA ARG A 243 -0.87 3.65 -3.63
C ARG A 243 -0.68 2.51 -2.65
N ALA A 244 -1.74 1.98 -2.06
CA ALA A 244 -1.53 0.84 -1.20
C ALA A 244 -2.77 -0.03 -1.11
N GLN A 245 -2.54 -1.29 -0.69
CA GLN A 245 -3.54 -2.30 -0.40
C GLN A 245 -4.19 -1.99 0.95
N PRO A 246 -5.49 -2.19 1.07
CA PRO A 246 -6.14 -1.92 2.37
C PRO A 246 -5.54 -2.74 3.51
N PHE A 247 -5.34 -2.07 4.64
CA PHE A 247 -4.80 -2.74 5.80
C PHE A 247 -3.47 -3.45 5.44
N GLY A 248 -2.72 -2.88 4.50
CA GLY A 248 -1.54 -3.52 3.94
C GLY A 248 -0.40 -3.83 4.92
N GLN A 249 -0.35 -3.18 6.07
CA GLN A 249 0.67 -3.54 7.03
C GLN A 249 0.25 -4.69 7.95
N LEU A 250 -0.99 -5.18 7.79
CA LEU A 250 -1.60 -6.23 8.61
C LEU A 250 -1.76 -7.53 7.81
N THR A 251 -1.56 -8.67 8.48
CA THR A 251 -1.69 -9.97 7.83
C THR A 251 -3.15 -10.27 7.56
N ASP A 252 -3.37 -11.15 6.57
CA ASP A 252 -4.65 -11.82 6.37
C ASP A 252 -5.36 -12.14 7.65
N GLU A 253 -4.64 -12.80 8.58
CA GLU A 253 -5.20 -13.25 9.84
C GLU A 253 -5.61 -12.08 10.70
N GLN A 254 -4.83 -11.00 10.64
CA GLN A 254 -5.18 -9.80 11.38
C GLN A 254 -6.42 -9.14 10.81
N VAL A 255 -6.60 -9.18 9.48
CA VAL A 255 -7.81 -8.63 8.90
C VAL A 255 -9.02 -9.44 9.34
N ILE A 256 -8.86 -10.77 9.43
CA ILE A 256 -9.96 -11.64 9.89
C ILE A 256 -10.24 -11.38 11.37
N GLU A 257 -9.18 -11.30 12.16
CA GLU A 257 -9.32 -10.94 13.56
C GLU A 257 -10.06 -9.61 13.71
N ASN A 258 -9.69 -8.62 12.89
CA ASN A 258 -10.42 -7.35 12.91
C ASN A 258 -11.92 -7.54 12.70
N ALA A 259 -12.31 -8.43 11.78
CA ALA A 259 -13.74 -8.66 11.58
C ALA A 259 -14.41 -9.16 12.88
N GLY A 260 -13.71 -10.01 13.65
CA GLY A 260 -14.25 -10.45 14.94
C GLY A 260 -14.42 -9.32 15.93
N GLU A 261 -13.62 -8.26 15.82
CA GLU A 261 -13.72 -7.17 16.77
C GLU A 261 -14.91 -6.27 16.47
N PHE A 262 -15.24 -6.05 15.21
CA PHE A 262 -16.55 -5.48 14.91
C PHE A 262 -17.68 -6.27 15.59
N PHE A 263 -17.63 -7.59 15.50
CA PHE A 263 -18.65 -8.38 16.17
C PHE A 263 -18.63 -8.12 17.68
N ARG A 264 -17.45 -8.21 18.32
CA ARG A 264 -17.38 -8.02 19.77
C ARG A 264 -17.77 -6.61 20.17
N ASP A 265 -17.43 -5.62 19.33
CA ASP A 265 -17.93 -4.25 19.51
C ASP A 265 -17.60 -3.70 20.90
N GLN A 266 -16.44 -4.03 21.40
CA GLN A 266 -15.90 -3.40 22.60
C GLN A 266 -14.69 -2.52 22.29
N GLY A 267 -14.77 -1.76 21.21
CA GLY A 267 -13.83 -0.69 20.98
C GLY A 267 -12.56 -1.08 20.30
N ARG A 268 -12.34 -2.36 20.03
CA ARG A 268 -11.05 -2.78 19.49
C ARG A 268 -11.00 -2.80 17.98
N GLN A 269 -12.12 -2.61 17.28
CA GLN A 269 -12.08 -2.67 15.82
C GLN A 269 -11.32 -1.47 15.27
N VAL A 270 -10.57 -1.66 14.19
CA VAL A 270 -9.81 -0.58 13.58
C VAL A 270 -10.26 -0.35 12.14
N TYR A 271 -9.84 0.79 11.61
CA TYR A 271 -10.35 1.32 10.36
C TYR A 271 -9.22 1.73 9.42
N LEU A 272 -9.52 1.62 8.13
CA LEU A 272 -8.68 2.21 7.11
C LEU A 272 -8.49 3.68 7.40
N SER A 273 -7.25 4.17 7.33
CA SER A 273 -6.98 5.56 7.66
C SER A 273 -7.45 6.48 6.53
N ARG A 274 -7.58 7.77 6.82
CA ARG A 274 -7.94 8.76 5.83
C ARG A 274 -6.79 9.02 4.84
N PRO A 275 -7.01 8.84 3.53
CA PRO A 275 -5.94 9.10 2.56
C PRO A 275 -5.55 10.56 2.52
N PRO A 276 -4.25 10.88 2.11
CA PRO A 276 -3.84 12.28 1.87
C PRO A 276 -4.83 13.15 1.08
N ALA A 277 -5.21 12.73 -0.12
CA ALA A 277 -6.18 13.50 -0.88
C ALA A 277 -7.56 13.71 -0.24
N CYS A 278 -7.85 13.08 0.92
CA CYS A 278 -9.24 13.00 1.41
C CYS A 278 -9.55 14.02 2.49
N PRO A 279 -10.41 15.01 2.25
CA PRO A 279 -10.91 15.84 3.35
C PRO A 279 -11.81 15.04 4.29
N GLN A 280 -11.94 15.57 5.52
CA GLN A 280 -12.50 14.82 6.64
C GLN A 280 -13.96 14.55 6.45
N GLY A 281 -14.65 15.38 5.65
CA GLY A 281 -16.05 15.12 5.35
C GLY A 281 -16.21 13.89 4.48
N LEU A 282 -15.45 13.82 3.38
CA LEU A 282 -15.50 12.63 2.56
C LEU A 282 -15.08 11.40 3.35
N TYR A 283 -14.06 11.57 4.21
CA TYR A 283 -13.67 10.47 5.09
C TYR A 283 -14.83 10.01 5.96
N GLU A 284 -15.65 10.94 6.43
CA GLU A 284 -16.78 10.56 7.27
C GLU A 284 -17.86 9.84 6.50
N LEU A 285 -17.90 10.01 5.17
CA LEU A 285 -18.77 9.18 4.32
C LEU A 285 -18.23 7.77 4.26
N MET A 286 -16.91 7.61 4.04
CA MET A 286 -16.32 6.29 4.05
C MET A 286 -16.62 5.59 5.36
N LEU A 287 -16.52 6.32 6.49
CA LEU A 287 -16.68 5.69 7.80
C LEU A 287 -18.10 5.19 7.98
N ARG A 288 -19.08 5.93 7.47
CA ARG A 288 -20.47 5.46 7.51
C ARG A 288 -20.63 4.15 6.73
N CYS A 289 -19.83 3.96 5.64
CA CYS A 289 -19.93 2.72 4.87
C CYS A 289 -19.50 1.53 5.68
N TRP A 290 -18.77 1.78 6.76
CA TRP A 290 -18.23 0.73 7.60
C TRP A 290 -18.93 0.70 8.94
N SER A 291 -20.18 1.18 8.97
CA SER A 291 -21.01 1.03 10.17
C SER A 291 -21.18 -0.45 10.49
N ARG A 292 -21.21 -0.75 11.80
CA ARG A 292 -21.42 -2.12 12.25
C ARG A 292 -22.76 -2.63 11.74
N GLU A 293 -23.78 -1.83 11.87
CA GLU A 293 -25.10 -2.30 11.48
C GLU A 293 -25.27 -1.99 10.00
N SER A 294 -25.43 -3.03 9.19
CA SER A 294 -25.69 -2.84 7.77
C SER A 294 -26.87 -1.89 7.49
N GLU A 295 -27.75 -1.62 8.46
CA GLU A 295 -28.86 -0.73 8.12
C GLU A 295 -28.50 0.72 8.31
N GLN A 296 -27.46 0.99 9.09
CA GLN A 296 -26.93 2.34 9.18
C GLN A 296 -25.96 2.67 8.03
N ARG A 297 -25.71 1.75 7.10
CA ARG A 297 -24.79 2.15 6.06
C ARG A 297 -25.54 2.92 4.97
N PRO A 298 -24.92 3.93 4.36
CA PRO A 298 -25.60 4.71 3.29
C PRO A 298 -25.98 3.86 2.09
N PRO A 299 -27.20 4.01 1.57
CA PRO A 299 -27.53 3.40 0.29
C PRO A 299 -26.81 4.09 -0.86
N PHE A 300 -26.70 3.35 -1.96
CA PHE A 300 -25.92 3.84 -3.11
C PHE A 300 -26.54 5.11 -3.71
N SER A 301 -27.88 5.19 -3.76
CA SER A 301 -28.57 6.41 -4.19
C SER A 301 -28.04 7.63 -3.46
N GLN A 302 -27.90 7.53 -2.14
CA GLN A 302 -27.36 8.63 -1.37
C GLN A 302 -25.86 8.83 -1.64
N LEU A 303 -25.08 7.75 -1.63
CA LEU A 303 -23.65 7.84 -1.91
C LEU A 303 -23.40 8.48 -3.27
N HIS A 304 -24.08 8.00 -4.31
CA HIS A 304 -23.95 8.63 -5.62
C HIS A 304 -24.32 10.12 -5.54
N ARG A 305 -25.47 10.44 -4.95
CA ARG A 305 -25.93 11.82 -4.87
C ARG A 305 -24.85 12.70 -4.25
N PHE A 306 -24.20 12.22 -3.19
CA PHE A 306 -23.17 13.00 -2.51
C PHE A 306 -21.85 13.09 -3.26
N LEU A 307 -21.45 12.06 -4.02
CA LEU A 307 -20.18 12.20 -4.72
C LEU A 307 -20.37 12.92 -6.05
N ALA A 308 -21.56 12.80 -6.65
CA ALA A 308 -21.80 13.46 -7.92
C ALA A 308 -22.02 14.97 -7.77
N GLU A 309 -22.06 15.49 -6.53
CA GLU A 309 -22.48 16.87 -6.34
C GLU A 309 -21.44 17.84 -6.91
N ASP A 310 -20.16 17.57 -6.66
CA ASP A 310 -19.10 18.49 -7.04
C ASP A 310 -19.13 18.82 -8.53
N ALA A 311 -19.16 17.81 -9.39
CA ALA A 311 -19.43 18.07 -10.81
C ALA A 311 -20.78 18.76 -11.00
N ASP B 6 -4.60 -7.01 29.81
CA ASP B 6 -3.70 -5.86 29.86
C ASP B 6 -2.47 -6.13 30.73
N PHE B 7 -1.48 -5.25 30.61
CA PHE B 7 -0.38 -5.15 31.55
C PHE B 7 -0.79 -4.19 32.66
N PRO B 8 -0.44 -4.49 33.92
CA PRO B 8 -0.89 -3.64 35.03
C PRO B 8 -0.18 -2.30 35.00
N ARG B 9 -0.96 -1.22 34.88
CA ARG B 9 -0.31 0.08 34.85
C ARG B 9 0.04 0.61 36.23
N SER B 10 -0.34 -0.10 37.30
CA SER B 10 0.15 0.21 38.64
C SER B 10 1.65 -0.04 38.74
N ARG B 11 2.14 -1.14 38.15
CA ARG B 11 3.53 -1.54 38.28
C ARG B 11 4.47 -0.82 37.28
N LEU B 12 4.09 0.37 36.80
CA LEU B 12 4.91 1.17 35.91
C LEU B 12 5.26 2.47 36.62
N ARG B 13 6.53 2.62 37.01
CA ARG B 13 6.97 3.74 37.85
C ARG B 13 7.61 4.83 36.99
N PHE B 14 6.88 5.93 36.79
CA PHE B 14 7.39 7.04 35.99
C PHE B 14 8.76 7.51 36.46
N LYS B 15 9.66 7.75 35.50
CA LYS B 15 11.00 8.23 35.78
C LYS B 15 11.19 9.60 35.14
N GLU B 16 11.28 9.67 33.81
CA GLU B 16 11.22 10.92 33.05
C GLU B 16 10.30 10.72 31.85
N LYS B 17 10.09 11.80 31.12
CA LYS B 17 9.47 11.77 29.81
C LYS B 17 10.56 11.79 28.74
N LEU B 18 10.24 11.22 27.59
CA LEU B 18 11.15 11.19 26.47
C LEU B 18 10.62 12.06 25.34
N GLU B 25 2.99 12.13 24.10
CA GLU B 25 4.06 12.03 25.07
C GLU B 25 4.51 10.59 25.28
N VAL B 26 5.83 10.39 25.35
CA VAL B 26 6.41 9.08 25.64
C VAL B 26 7.12 9.14 26.97
N HIS B 27 6.88 8.15 27.81
CA HIS B 27 7.38 8.19 29.18
C HIS B 27 8.35 7.04 29.42
N LEU B 28 9.51 7.38 29.99
CA LEU B 28 10.39 6.37 30.57
C LEU B 28 9.87 5.91 31.92
N CYS B 29 10.06 4.62 32.22
CA CYS B 29 9.50 3.99 33.41
C CYS B 29 10.38 2.81 33.81
N GLU B 30 10.48 2.60 35.12
CA GLU B 30 11.10 1.42 35.68
C GLU B 30 9.99 0.44 36.09
N VAL B 31 10.35 -0.85 36.10
CA VAL B 31 9.40 -1.94 36.25
C VAL B 31 9.57 -2.65 37.59
N LEU B 52 13.81 -2.52 36.02
CA LEU B 52 13.79 -2.64 34.56
C LEU B 52 13.28 -1.37 33.90
N LEU B 53 13.96 -0.89 32.86
CA LEU B 53 13.52 0.32 32.17
C LEU B 53 12.73 -0.04 30.91
N VAL B 54 11.63 0.70 30.67
CA VAL B 54 10.78 0.50 29.50
C VAL B 54 10.31 1.86 28.98
N ALA B 55 9.78 1.85 27.76
CA ALA B 55 9.25 3.07 27.17
C ALA B 55 7.73 2.91 27.01
N VAL B 56 7.01 4.00 27.24
CA VAL B 56 5.55 3.97 27.28
C VAL B 56 5.04 5.13 26.43
N LYS B 57 4.47 4.81 25.28
CA LYS B 57 3.85 5.80 24.43
C LYS B 57 2.40 5.93 24.86
N ILE B 58 2.06 7.07 25.43
CA ILE B 58 0.73 7.30 25.97
C ILE B 58 -0.01 8.18 24.99
N LEU B 59 -1.26 7.82 24.70
CA LEU B 59 -2.13 8.64 23.87
C LEU B 59 -2.82 9.67 24.78
N ARG B 60 -2.77 10.94 24.37
CA ARG B 60 -3.36 12.11 25.03
C ARG B 60 -4.74 11.80 25.60
N PRO B 61 -5.13 12.46 26.70
CA PRO B 61 -6.42 12.15 27.32
C PRO B 61 -7.61 12.50 26.44
N ASP B 62 -7.34 13.15 25.32
CA ASP B 62 -8.37 13.82 24.53
C ASP B 62 -8.19 13.67 23.01
N ALA B 63 -7.29 12.80 22.54
CA ALA B 63 -7.01 12.68 21.10
C ALA B 63 -8.26 12.40 20.26
N THR B 64 -8.19 12.78 18.98
CA THR B 64 -9.27 12.47 18.03
C THR B 64 -9.50 10.96 17.91
N LYS B 65 -10.61 10.61 17.27
CA LYS B 65 -10.85 9.21 16.95
C LYS B 65 -9.82 8.70 15.95
N ASN B 66 -9.35 9.57 15.03
CA ASN B 66 -8.35 9.11 14.05
C ASN B 66 -7.04 8.78 14.73
N ALA B 67 -6.65 9.60 15.71
CA ALA B 67 -5.46 9.32 16.49
C ALA B 67 -5.62 8.00 17.24
N ARG B 68 -6.79 7.78 17.83
CA ARG B 68 -7.04 6.53 18.53
C ARG B 68 -6.95 5.32 17.57
N ASN B 69 -7.51 5.45 16.36
CA ASN B 69 -7.40 4.41 15.35
C ASN B 69 -5.95 4.12 14.99
N ASP B 70 -5.18 5.16 14.70
CA ASP B 70 -3.77 4.95 14.36
C ASP B 70 -3.02 4.26 15.49
N PHE B 71 -3.40 4.54 16.74
CA PHE B 71 -2.68 3.94 17.86
C PHE B 71 -2.96 2.46 17.94
N LEU B 72 -4.24 2.08 17.74
CA LEU B 72 -4.59 0.66 17.77
C LEU B 72 -3.92 -0.11 16.63
N LYS B 73 -3.88 0.47 15.43
CA LYS B 73 -3.26 -0.23 14.31
C LYS B 73 -1.77 -0.41 14.57
N GLU B 74 -1.12 0.67 15.02
CA GLU B 74 0.26 0.62 15.49
C GLU B 74 0.45 -0.48 16.53
N VAL B 75 -0.50 -0.65 17.45
CA VAL B 75 -0.39 -1.78 18.38
C VAL B 75 -0.42 -3.09 17.61
N LYS B 76 -1.36 -3.22 16.66
CA LYS B 76 -1.47 -4.48 15.90
C LYS B 76 -0.19 -4.78 15.15
N ILE B 77 0.32 -3.80 14.39
CA ILE B 77 1.51 -4.05 13.57
C ILE B 77 2.66 -4.52 14.44
N MET B 78 2.92 -3.79 15.53
CA MET B 78 4.09 -4.07 16.37
C MET B 78 4.03 -5.46 17.00
N SER B 79 2.83 -5.97 17.27
CA SER B 79 2.67 -7.26 17.96
C SER B 79 3.24 -8.43 17.18
N ARG B 80 3.30 -8.35 15.84
CA ARG B 80 3.85 -9.39 14.96
C ARG B 80 5.38 -9.45 14.93
N LEU B 81 6.09 -8.40 15.40
CA LEU B 81 7.52 -8.25 15.13
C LEU B 81 8.35 -8.64 16.36
N LYS B 82 9.12 -9.72 16.23
CA LYS B 82 9.88 -10.31 17.31
C LYS B 82 11.28 -10.59 16.75
N ASP B 83 12.18 -9.63 16.96
CA ASP B 83 13.55 -9.81 16.48
C ASP B 83 14.52 -8.98 17.29
N PRO B 84 15.73 -9.47 17.55
CA PRO B 84 16.68 -8.66 18.33
C PRO B 84 16.90 -7.27 17.75
N ASN B 85 16.72 -7.08 16.45
CA ASN B 85 17.05 -5.79 15.86
C ASN B 85 15.81 -5.04 15.37
N ILE B 86 14.63 -5.43 15.82
CA ILE B 86 13.40 -4.65 15.66
C ILE B 86 12.92 -4.23 17.03
N ILE B 87 12.46 -2.98 17.14
CA ILE B 87 11.77 -2.57 18.34
C ILE B 87 10.65 -3.56 18.68
N ARG B 88 10.44 -3.79 19.97
CA ARG B 88 9.66 -4.91 20.48
C ARG B 88 8.51 -4.38 21.33
N LEU B 89 7.30 -4.87 21.07
CA LEU B 89 6.15 -4.48 21.89
C LEU B 89 6.18 -5.31 23.16
N LEU B 90 6.25 -4.65 24.31
CA LEU B 90 6.35 -5.43 25.54
C LEU B 90 5.00 -5.60 26.23
N GLY B 91 4.07 -4.68 26.05
CA GLY B 91 2.71 -4.83 26.53
C GLY B 91 1.90 -3.58 26.24
N VAL B 92 0.63 -3.65 26.59
CA VAL B 92 -0.31 -2.58 26.26
C VAL B 92 -1.21 -2.30 27.45
N CYS B 93 -1.67 -1.06 27.54
CA CYS B 93 -2.72 -0.68 28.48
C CYS B 93 -3.88 -0.12 27.65
N VAL B 94 -4.83 -1.00 27.34
CA VAL B 94 -5.92 -0.72 26.41
C VAL B 94 -7.23 -1.22 27.00
N ASP B 97 -7.68 2.79 29.52
CA ASP B 97 -7.58 4.20 29.16
C ASP B 97 -7.04 4.99 30.37
N PRO B 98 -6.07 5.93 30.16
CA PRO B 98 -5.38 6.37 28.94
C PRO B 98 -4.62 5.27 28.21
N LEU B 99 -4.51 5.39 26.90
CA LEU B 99 -4.04 4.28 26.07
C LEU B 99 -2.52 4.28 25.99
N CYS B 100 -1.92 3.12 26.25
CA CYS B 100 -0.49 2.98 26.41
C CYS B 100 0.01 1.83 25.59
N MET B 101 1.25 1.96 25.13
CA MET B 101 2.06 0.82 24.76
C MET B 101 3.47 0.92 25.26
N ILE B 102 4.01 -0.27 25.46
CA ILE B 102 5.22 -0.52 26.19
C ILE B 102 6.20 -1.14 25.23
N THR B 103 7.34 -0.47 25.04
CA THR B 103 8.40 -0.96 24.22
C THR B 103 9.68 -0.97 25.05
N ASP B 104 10.63 -1.80 24.60
CA ASP B 104 12.06 -1.66 24.88
C ASP B 104 12.51 -0.21 25.07
N TYR B 105 13.41 0.06 26.02
CA TYR B 105 14.02 1.36 26.19
C TYR B 105 15.42 1.34 25.59
N MET B 106 15.72 2.30 24.72
CA MET B 106 17.04 2.44 24.09
C MET B 106 17.79 3.64 24.66
N GLU B 107 18.79 3.36 25.52
CA GLU B 107 19.47 4.40 26.31
C GLU B 107 20.08 5.54 25.46
N ASN B 108 20.51 5.28 24.23
CA ASN B 108 21.22 6.35 23.52
C ASN B 108 20.44 7.02 22.36
N GLY B 109 19.11 6.94 22.31
CA GLY B 109 18.39 7.74 21.34
C GLY B 109 18.42 7.22 19.91
N ASP B 110 18.02 8.10 18.97
CA ASP B 110 18.10 7.56 17.63
C ASP B 110 19.54 7.57 17.14
N LEU B 111 19.76 6.78 16.11
CA LEU B 111 21.09 6.58 15.61
C LEU B 111 21.67 7.83 14.93
N ASN B 112 20.87 8.62 14.20
CA ASN B 112 21.38 9.87 13.61
C ASN B 112 21.98 10.79 14.70
N GLN B 113 21.22 11.13 15.75
CA GLN B 113 21.78 11.89 16.87
C GLN B 113 23.01 11.21 17.49
N PHE B 114 22.99 9.88 17.62
CA PHE B 114 24.07 9.14 18.26
C PHE B 114 25.37 9.26 17.45
N LEU B 115 25.29 8.99 16.15
CA LEU B 115 26.50 9.04 15.33
C LEU B 115 27.01 10.47 15.19
N SER B 116 26.09 11.44 15.07
CA SER B 116 26.46 12.85 14.95
C SER B 116 27.36 13.30 16.10
N ALA B 117 27.15 12.74 17.30
CA ALA B 117 27.89 13.02 18.51
C ALA B 117 29.23 12.27 18.61
N HIS B 118 29.62 11.49 17.61
CA HIS B 118 30.88 10.74 17.65
C HIS B 118 31.74 11.13 16.45
N GLN B 119 33.04 10.80 16.54
CA GLN B 119 33.94 10.87 15.38
C GLN B 119 34.60 9.52 15.21
N LEU B 120 35.04 9.27 13.97
CA LEU B 120 35.74 8.04 13.60
C LEU B 120 37.05 7.92 14.37
N GLU B 121 37.24 6.77 15.03
CA GLU B 121 38.45 6.53 15.80
C GLU B 121 39.66 6.74 14.92
N ASP B 122 40.69 7.36 15.49
CA ASP B 122 41.99 7.26 14.88
C ASP B 122 43.00 6.78 15.89
N GLY B 137 36.43 13.30 21.30
CA GLY B 137 35.56 12.16 21.60
C GLY B 137 34.11 12.63 21.72
N PRO B 138 33.18 11.70 22.00
CA PRO B 138 33.39 10.25 22.04
C PRO B 138 33.62 9.69 20.65
N THR B 139 33.92 8.40 20.61
CA THR B 139 34.48 7.80 19.43
C THR B 139 33.91 6.42 19.23
N ILE B 140 33.82 6.06 17.97
CA ILE B 140 33.37 4.76 17.56
C ILE B 140 34.36 4.28 16.53
N SER B 141 34.68 2.98 16.56
CA SER B 141 35.66 2.43 15.64
C SER B 141 35.04 2.16 14.27
N TYR B 142 35.91 1.97 13.28
CA TYR B 142 35.43 1.46 12.01
C TYR B 142 34.68 0.13 12.13
N PRO B 143 35.17 -0.89 12.85
CA PRO B 143 34.37 -2.13 12.94
C PRO B 143 33.02 -1.89 13.60
N MET B 144 33.00 -1.05 14.63
CA MET B 144 31.77 -0.84 15.37
C MET B 144 30.70 -0.25 14.47
N LEU B 145 31.07 0.69 13.58
CA LEU B 145 30.14 1.21 12.56
C LEU B 145 29.59 0.11 11.68
N LEU B 146 30.43 -0.85 11.27
CA LEU B 146 29.89 -1.92 10.45
C LEU B 146 28.96 -2.81 11.28
N HIS B 147 29.27 -2.99 12.55
CA HIS B 147 28.39 -3.72 13.44
C HIS B 147 27.04 -3.00 13.61
N VAL B 148 27.08 -1.67 13.59
CA VAL B 148 25.81 -0.95 13.53
C VAL B 148 25.11 -1.27 12.22
N ALA B 149 25.78 -1.00 11.10
CA ALA B 149 25.20 -1.31 9.81
C ALA B 149 24.70 -2.75 9.75
N ALA B 150 25.53 -3.69 10.27
CA ALA B 150 25.17 -5.12 10.25
C ALA B 150 23.90 -5.42 11.07
N GLN B 151 23.73 -4.78 12.23
CA GLN B 151 22.47 -5.01 12.94
C GLN B 151 21.26 -4.56 12.13
N ILE B 152 21.40 -3.49 11.34
CA ILE B 152 20.24 -2.96 10.64
C ILE B 152 19.87 -3.87 9.47
N ALA B 153 20.87 -4.41 8.79
CA ALA B 153 20.59 -5.34 7.71
C ALA B 153 19.86 -6.57 8.24
N SER B 154 20.23 -6.97 9.46
CA SER B 154 19.65 -8.15 10.09
C SER B 154 18.17 -7.93 10.40
N GLY B 155 17.84 -6.79 11.01
CA GLY B 155 16.44 -6.49 11.20
C GLY B 155 15.66 -6.47 9.90
N MET B 156 16.25 -5.90 8.86
CA MET B 156 15.55 -5.79 7.58
C MET B 156 15.37 -7.15 6.95
N ARG B 157 16.38 -7.99 7.07
CA ARG B 157 16.27 -9.36 6.62
C ARG B 157 15.12 -10.06 7.33
N TYR B 158 14.98 -9.81 8.63
CA TYR B 158 13.87 -10.44 9.34
C TYR B 158 12.53 -9.95 8.82
N LEU B 159 12.41 -8.62 8.58
CA LEU B 159 11.14 -8.08 8.08
C LEU B 159 10.83 -8.62 6.69
N ALA B 160 11.88 -8.84 5.89
CA ALA B 160 11.72 -9.33 4.52
C ALA B 160 11.23 -10.78 4.47
N THR B 161 11.59 -11.62 5.47
CA THR B 161 10.96 -12.93 5.61
C THR B 161 9.47 -12.85 5.94
N LEU B 162 8.96 -11.72 6.36
CA LEU B 162 7.52 -11.56 6.51
C LEU B 162 6.88 -10.81 5.35
N ASN B 163 7.60 -10.56 4.25
CA ASN B 163 7.11 -9.65 3.19
C ASN B 163 6.69 -8.29 3.78
N PHE B 164 7.38 -7.84 4.80
CA PHE B 164 7.03 -6.58 5.41
C PHE B 164 7.97 -5.51 4.91
N VAL B 165 7.42 -4.46 4.31
CA VAL B 165 8.23 -3.37 3.78
C VAL B 165 8.19 -2.19 4.76
N HIS B 166 9.36 -1.76 5.19
CA HIS B 166 9.46 -0.62 6.09
C HIS B 166 8.95 0.68 5.43
N ARG B 167 9.50 1.06 4.26
CA ARG B 167 9.19 2.27 3.46
C ARG B 167 9.89 3.53 3.93
N ASP B 168 10.34 3.62 5.17
CA ASP B 168 11.04 4.81 5.58
C ASP B 168 12.33 4.43 6.36
N LEU B 169 13.14 3.55 5.78
CA LEU B 169 14.36 3.18 6.47
C LEU B 169 15.36 4.33 6.38
N ALA B 170 15.88 4.73 7.54
CA ALA B 170 16.86 5.81 7.62
C ALA B 170 17.41 5.77 9.05
N THR B 171 18.61 6.38 9.28
CA THR B 171 19.16 6.30 10.65
C THR B 171 18.24 7.00 11.67
N ARG B 172 17.48 8.00 11.24
CA ARG B 172 16.57 8.66 12.18
C ARG B 172 15.46 7.72 12.71
N ASN B 173 15.25 6.55 12.09
CA ASN B 173 14.29 5.58 12.62
C ASN B 173 14.97 4.38 13.28
N CYS B 174 16.27 4.46 13.52
CA CYS B 174 16.92 3.42 14.30
C CYS B 174 17.23 3.94 15.70
N LEU B 175 17.11 3.07 16.68
CA LEU B 175 17.39 3.39 18.06
C LEU B 175 18.60 2.59 18.53
N VAL B 176 19.27 3.12 19.54
CA VAL B 176 20.57 2.61 19.98
C VAL B 176 20.44 2.20 21.44
N GLY B 177 20.72 0.95 21.75
CA GLY B 177 20.79 0.51 23.13
C GLY B 177 22.17 0.64 23.75
N GLU B 178 22.40 -0.17 24.78
CA GLU B 178 23.70 -0.33 25.36
C GLU B 178 24.56 -1.19 24.44
N ASN B 179 25.86 -0.88 24.40
CA ASN B 179 26.84 -1.67 23.65
C ASN B 179 26.53 -1.68 22.15
N PHE B 180 26.08 -0.53 21.62
CA PHE B 180 25.91 -0.36 20.18
C PHE B 180 24.84 -1.31 19.62
N THR B 181 23.88 -1.72 20.43
CA THR B 181 22.79 -2.54 19.89
C THR B 181 21.83 -1.63 19.15
N ILE B 182 21.31 -2.11 18.02
CA ILE B 182 20.43 -1.31 17.17
C ILE B 182 19.07 -1.97 17.07
N LYS B 183 18.01 -1.17 17.17
CA LYS B 183 16.64 -1.62 16.92
C LYS B 183 15.99 -0.66 15.95
N ILE B 184 15.56 -1.18 14.81
CA ILE B 184 14.83 -0.35 13.85
C ILE B 184 13.47 -0.02 14.46
N ALA B 185 13.05 1.24 14.31
CA ALA B 185 11.67 1.61 14.60
C ALA B 185 11.09 2.43 13.45
N ASP B 186 9.89 3.00 13.60
CA ASP B 186 9.35 3.98 12.65
C ASP B 186 8.73 5.12 13.44
N PHE B 187 9.35 6.30 13.42
CA PHE B 187 8.85 7.43 14.21
C PHE B 187 7.93 8.35 13.42
N GLY B 188 7.74 8.09 12.15
CA GLY B 188 6.93 8.95 11.33
C GLY B 188 7.72 10.05 10.68
N MET B 189 6.99 10.85 9.93
CA MET B 189 7.53 11.77 8.96
C MET B 189 7.25 13.22 9.32
N SER B 190 7.28 13.54 10.62
CA SER B 190 6.70 14.82 11.02
C SER B 190 7.38 15.51 12.18
N ARG B 191 8.34 14.89 12.86
CA ARG B 191 8.98 15.57 13.98
C ARG B 191 10.00 16.58 13.46
N ASN B 192 9.87 17.84 13.92
CA ASN B 192 10.44 18.97 13.21
C ASN B 192 11.95 18.89 13.14
N LEU B 193 12.57 18.10 14.01
CA LEU B 193 14.01 17.92 13.91
C LEU B 193 14.40 17.48 12.50
N TYR B 194 13.56 16.65 11.86
CA TYR B 194 13.93 16.03 10.60
C TYR B 194 13.01 16.41 9.45
N ALA B 195 12.20 17.45 9.63
CA ALA B 195 11.28 17.94 8.61
C ALA B 195 11.95 17.96 7.24
N GLY B 196 13.19 18.44 7.18
CA GLY B 196 13.90 18.61 5.91
C GLY B 196 14.12 17.31 5.15
N ASP B 197 14.04 16.16 5.83
CA ASP B 197 14.17 14.86 5.14
C ASP B 197 12.90 14.47 4.37
N TYR B 198 11.87 15.29 4.38
CA TYR B 198 10.57 14.86 3.84
C TYR B 198 10.09 15.87 2.81
N TYR B 199 9.59 15.38 1.69
CA TYR B 199 9.10 16.21 0.60
C TYR B 199 7.58 16.21 0.67
N ARG B 200 6.97 17.40 0.74
CA ARG B 200 5.58 17.60 1.11
C ARG B 200 4.87 18.40 0.03
N VAL B 201 3.82 17.81 -0.56
CA VAL B 201 2.88 18.64 -1.31
C VAL B 201 1.43 18.35 -0.87
N GLN B 202 0.60 19.38 -0.95
CA GLN B 202 -0.79 19.34 -0.47
C GLN B 202 -1.57 18.18 -1.09
N GLY B 203 -2.35 17.50 -0.26
CA GLY B 203 -3.14 16.37 -0.65
C GLY B 203 -2.36 15.10 -0.91
N ARG B 204 -1.06 15.09 -0.64
CA ARG B 204 -0.26 13.96 -1.08
C ARG B 204 0.46 13.29 0.08
N ALA B 205 0.85 12.06 -0.21
CA ALA B 205 1.65 11.32 0.72
C ALA B 205 2.99 12.04 0.88
N VAL B 206 3.43 12.21 2.10
CA VAL B 206 4.73 12.77 2.38
C VAL B 206 5.81 11.73 2.05
N LEU B 207 6.91 12.16 1.43
CA LEU B 207 7.84 11.25 0.80
C LEU B 207 9.25 11.52 1.27
N PRO B 208 9.99 10.48 1.82
CA PRO B 208 11.43 10.57 2.17
C PRO B 208 12.31 10.34 0.93
N ILE B 209 12.25 11.30 0.01
CA ILE B 209 12.70 11.09 -1.37
C ILE B 209 14.20 10.86 -1.49
N ARG B 210 15.02 11.43 -0.58
CA ARG B 210 16.47 11.23 -0.68
C ARG B 210 16.86 9.78 -0.44
N TRP B 211 15.99 9.01 0.20
CA TRP B 211 16.23 7.63 0.57
C TRP B 211 15.48 6.70 -0.34
N MET B 212 14.72 7.24 -1.30
CA MET B 212 13.79 6.44 -2.07
C MET B 212 14.44 5.97 -3.37
N ALA B 213 14.25 4.69 -3.71
CA ALA B 213 14.54 4.18 -5.04
C ALA B 213 13.89 5.05 -6.14
N TRP B 214 14.45 5.00 -7.35
CA TRP B 214 13.91 5.86 -8.40
C TRP B 214 12.50 5.43 -8.76
N GLU B 215 12.25 4.13 -8.76
CA GLU B 215 10.91 3.71 -9.12
C GLU B 215 9.89 4.16 -8.08
N CYS B 216 10.32 4.37 -6.83
CA CYS B 216 9.39 4.88 -5.81
C CYS B 216 9.04 6.33 -6.05
N ILE B 217 10.06 7.16 -6.33
CA ILE B 217 9.85 8.57 -6.59
C ILE B 217 8.96 8.75 -7.81
N LEU B 218 9.14 7.90 -8.81
CA LEU B 218 8.34 7.99 -10.03
C LEU B 218 7.01 7.24 -9.94
N MET B 219 6.98 6.10 -9.31
CA MET B 219 5.79 5.26 -9.36
C MET B 219 5.16 4.99 -7.97
N GLY B 220 5.88 5.23 -6.87
CA GLY B 220 5.34 4.82 -5.58
C GLY B 220 5.30 3.32 -5.32
N LYS B 221 5.91 2.50 -6.16
CA LYS B 221 6.07 1.09 -5.79
C LYS B 221 7.04 1.01 -4.61
N PHE B 222 6.54 0.62 -3.43
CA PHE B 222 7.39 0.35 -2.29
C PHE B 222 7.50 -1.16 -2.07
N THR B 223 8.74 -1.68 -2.10
CA THR B 223 9.03 -3.11 -2.01
C THR B 223 10.21 -3.36 -1.09
N THR B 224 10.53 -4.64 -0.94
CA THR B 224 11.78 -5.01 -0.31
C THR B 224 12.94 -4.51 -1.12
N ALA B 225 12.82 -4.56 -2.44
CA ALA B 225 13.91 -4.01 -3.24
C ALA B 225 14.13 -2.53 -2.95
N SER B 226 13.05 -1.75 -2.78
CA SER B 226 13.28 -0.34 -2.50
C SER B 226 13.76 -0.15 -1.06
N ASP B 227 13.37 -1.05 -0.16
CA ASP B 227 13.97 -1.03 1.17
C ASP B 227 15.48 -1.23 1.08
N VAL B 228 15.93 -2.13 0.20
CA VAL B 228 17.34 -2.35 0.00
C VAL B 228 18.00 -1.05 -0.45
N TRP B 229 17.42 -0.38 -1.45
CA TRP B 229 17.91 0.94 -1.87
C TRP B 229 18.01 1.91 -0.69
N ALA B 230 16.94 2.04 0.08
CA ALA B 230 16.99 2.87 1.31
C ALA B 230 18.06 2.40 2.31
N PHE B 231 18.35 1.08 2.36
CA PHE B 231 19.45 0.61 3.20
C PHE B 231 20.79 1.14 2.67
N GLY B 232 20.96 1.11 1.35
CA GLY B 232 22.12 1.73 0.75
C GLY B 232 22.32 3.14 1.22
N VAL B 233 21.28 3.97 1.15
CA VAL B 233 21.42 5.32 1.64
C VAL B 233 21.70 5.30 3.14
N THR B 234 21.00 4.43 3.86
CA THR B 234 21.21 4.34 5.30
C THR B 234 22.62 3.87 5.64
N LEU B 235 23.14 2.88 4.88
CA LEU B 235 24.57 2.51 4.94
C LEU B 235 25.50 3.72 4.72
N TRP B 236 25.20 4.55 3.72
CA TRP B 236 25.97 5.77 3.47
C TRP B 236 25.95 6.73 4.67
N GLU B 237 24.76 6.99 5.23
CA GLU B 237 24.65 7.83 6.42
C GLU B 237 25.58 7.36 7.54
N VAL B 238 25.52 6.06 7.88
CA VAL B 238 26.35 5.43 8.94
C VAL B 238 27.82 5.69 8.71
N LEU B 239 28.27 5.57 7.45
CA LEU B 239 29.71 5.75 7.15
C LEU B 239 30.14 7.20 7.01
N MET B 240 29.22 8.09 6.67
CA MET B 240 29.32 9.55 6.84
C MET B 240 29.22 9.98 8.30
N LEU B 241 28.99 9.05 9.23
CA LEU B 241 28.76 9.43 10.61
C LEU B 241 27.68 10.51 10.70
N CYS B 242 26.76 10.47 9.71
CA CYS B 242 25.60 11.33 9.63
C CYS B 242 25.96 12.80 9.47
N ARG B 243 27.15 13.12 8.94
CA ARG B 243 27.51 14.53 8.88
C ARG B 243 26.76 15.29 7.80
N ALA B 244 26.04 14.61 6.92
CA ALA B 244 25.27 15.35 5.94
C ALA B 244 24.05 14.57 5.47
N GLN B 245 23.02 15.32 5.12
CA GLN B 245 21.90 14.81 4.36
C GLN B 245 22.35 14.30 3.00
N PRO B 246 21.91 13.13 2.60
CA PRO B 246 22.00 12.72 1.19
C PRO B 246 21.63 13.80 0.15
N PHE B 247 22.47 13.90 -0.89
CA PHE B 247 22.35 14.88 -1.96
C PHE B 247 22.08 16.26 -1.38
N GLY B 248 22.68 16.52 -0.21
CA GLY B 248 22.31 17.69 0.58
C GLY B 248 22.58 19.05 -0.07
N GLN B 249 23.39 19.10 -1.12
CA GLN B 249 23.58 20.30 -1.90
C GLN B 249 22.67 20.30 -3.11
N LEU B 250 21.77 19.34 -3.20
CA LEU B 250 20.79 19.32 -4.27
C LEU B 250 19.44 19.74 -3.70
N THR B 251 18.67 20.46 -4.50
CA THR B 251 17.26 20.67 -4.18
C THR B 251 16.46 19.37 -4.23
N ASP B 252 15.33 19.38 -3.51
CA ASP B 252 14.26 18.40 -3.67
C ASP B 252 13.94 18.14 -5.11
N GLU B 253 13.81 19.22 -5.90
CA GLU B 253 13.45 19.08 -7.31
C GLU B 253 14.59 18.43 -8.09
N GLN B 254 15.83 18.79 -7.78
CA GLN B 254 16.96 18.10 -8.41
C GLN B 254 16.98 16.62 -8.06
N VAL B 255 16.66 16.28 -6.81
CA VAL B 255 16.59 14.87 -6.44
C VAL B 255 15.45 14.17 -7.15
N ILE B 256 14.35 14.86 -7.44
CA ILE B 256 13.31 14.20 -8.23
C ILE B 256 13.75 14.07 -9.69
N GLU B 257 14.42 15.10 -10.21
CA GLU B 257 14.92 14.94 -11.57
C GLU B 257 15.87 13.77 -11.65
N ASN B 258 16.69 13.58 -10.59
CA ASN B 258 17.64 12.46 -10.54
C ASN B 258 16.96 11.11 -10.75
N ALA B 259 15.81 10.88 -10.09
CA ALA B 259 15.06 9.63 -10.32
C ALA B 259 14.72 9.45 -11.80
N GLY B 260 14.37 10.54 -12.47
CA GLY B 260 14.00 10.42 -13.88
C GLY B 260 15.18 10.06 -14.76
N GLU B 261 16.39 10.52 -14.38
CA GLU B 261 17.61 10.10 -15.07
C GLU B 261 17.92 8.62 -14.84
N PHE B 262 17.63 8.10 -13.65
CA PHE B 262 17.67 6.64 -13.51
C PHE B 262 16.71 5.95 -14.50
N PHE B 263 15.50 6.48 -14.65
CA PHE B 263 14.55 5.87 -15.58
C PHE B 263 15.04 6.02 -17.02
N ARG B 264 15.54 7.20 -17.40
CA ARG B 264 16.04 7.42 -18.77
C ARG B 264 17.23 6.52 -19.10
N ASP B 265 18.10 6.21 -18.13
CA ASP B 265 19.17 5.23 -18.35
C ASP B 265 20.14 5.66 -19.41
N GLN B 266 20.42 6.97 -19.51
CA GLN B 266 21.48 7.43 -20.41
C GLN B 266 22.72 7.86 -19.64
N GLY B 267 22.98 7.21 -18.51
CA GLY B 267 24.18 7.46 -17.74
C GLY B 267 24.33 8.88 -17.27
N ARG B 268 23.23 9.57 -17.04
CA ARG B 268 23.29 10.89 -16.45
C ARG B 268 22.87 10.90 -14.99
N GLN B 269 22.45 9.77 -14.44
CA GLN B 269 22.10 9.71 -13.03
C GLN B 269 23.34 9.91 -12.14
N VAL B 270 23.16 10.55 -10.99
CA VAL B 270 24.26 10.85 -10.06
C VAL B 270 24.03 10.07 -8.77
N TYR B 271 25.11 9.63 -8.15
CA TYR B 271 25.02 8.80 -6.96
C TYR B 271 25.57 9.57 -5.79
N LEU B 272 25.09 9.22 -4.60
CA LEU B 272 25.78 9.57 -3.38
C LEU B 272 27.25 9.19 -3.53
N SER B 273 28.14 10.04 -2.99
CA SER B 273 29.59 9.89 -3.08
C SER B 273 30.13 9.04 -1.92
N ARG B 274 31.16 8.26 -2.20
CA ARG B 274 31.83 7.50 -1.16
C ARG B 274 32.21 8.37 0.04
N PRO B 275 31.77 8.01 1.24
CA PRO B 275 32.20 8.75 2.45
C PRO B 275 33.69 8.63 2.70
N PRO B 276 34.24 9.47 3.60
CA PRO B 276 35.65 9.31 4.02
C PRO B 276 35.99 8.03 4.75
N ALA B 277 35.18 7.59 5.70
CA ALA B 277 35.48 6.35 6.42
C ALA B 277 35.29 5.08 5.60
N CYS B 278 34.93 5.17 4.32
CA CYS B 278 34.38 4.03 3.58
C CYS B 278 35.37 3.55 2.54
N PRO B 279 35.91 2.34 2.62
CA PRO B 279 36.74 1.86 1.51
C PRO B 279 35.88 1.67 0.27
N GLN B 280 36.57 1.62 -0.88
CA GLN B 280 35.90 1.48 -2.17
C GLN B 280 35.09 0.19 -2.25
N GLY B 281 35.55 -0.87 -1.55
CA GLY B 281 34.85 -2.14 -1.57
C GLY B 281 33.53 -2.07 -0.85
N LEU B 282 33.46 -1.30 0.22
CA LEU B 282 32.16 -1.02 0.84
C LEU B 282 31.33 -0.08 -0.05
N TYR B 283 31.94 1.02 -0.54
CA TYR B 283 31.26 1.86 -1.53
C TYR B 283 30.53 1.06 -2.61
N GLU B 284 31.20 0.08 -3.18
CA GLU B 284 30.59 -0.66 -4.26
C GLU B 284 29.44 -1.55 -3.79
N LEU B 285 29.42 -1.94 -2.51
CA LEU B 285 28.21 -2.56 -1.97
C LEU B 285 27.05 -1.56 -1.98
N MET B 286 27.31 -0.32 -1.52
CA MET B 286 26.26 0.70 -1.61
C MET B 286 25.78 0.84 -3.04
N LEU B 287 26.68 0.84 -4.00
CA LEU B 287 26.30 1.09 -5.39
C LEU B 287 25.38 -0.01 -5.88
N ARG B 288 25.64 -1.28 -5.50
CA ARG B 288 24.71 -2.34 -5.82
C ARG B 288 23.31 -2.03 -5.25
N CYS B 289 23.24 -1.37 -4.09
CA CYS B 289 21.93 -1.12 -3.51
C CYS B 289 21.13 -0.20 -4.41
N TRP B 290 21.82 0.58 -5.24
CA TRP B 290 21.24 1.59 -6.11
C TRP B 290 21.18 1.16 -7.56
N SER B 291 21.25 -0.13 -7.85
CA SER B 291 21.07 -0.61 -9.23
C SER B 291 19.71 -0.14 -9.78
N ARG B 292 19.71 0.16 -11.08
CA ARG B 292 18.45 0.50 -11.75
C ARG B 292 17.46 -0.67 -11.66
N GLU B 293 17.97 -1.88 -11.84
CA GLU B 293 17.10 -3.05 -11.85
C GLU B 293 16.94 -3.58 -10.44
N SER B 294 15.69 -3.62 -10.01
CA SER B 294 15.32 -4.09 -8.69
C SER B 294 16.00 -5.42 -8.35
N GLU B 295 16.14 -6.31 -9.34
CA GLU B 295 16.62 -7.68 -9.12
C GLU B 295 18.15 -7.78 -9.09
N GLN B 296 18.87 -6.76 -9.57
CA GLN B 296 20.31 -6.69 -9.33
C GLN B 296 20.63 -6.20 -7.92
N ARG B 297 19.68 -5.64 -7.20
CA ARG B 297 20.10 -5.10 -5.90
C ARG B 297 20.30 -6.25 -4.93
N PRO B 298 21.27 -6.15 -4.01
CA PRO B 298 21.58 -7.30 -3.14
C PRO B 298 20.43 -7.56 -2.17
N PRO B 299 20.23 -8.80 -1.76
CA PRO B 299 19.24 -9.08 -0.71
C PRO B 299 19.85 -8.80 0.65
N PHE B 300 18.99 -8.77 1.66
CA PHE B 300 19.47 -8.36 2.97
C PHE B 300 20.33 -9.45 3.60
N SER B 301 20.08 -10.72 3.22
CA SER B 301 20.87 -11.84 3.73
C SER B 301 22.33 -11.65 3.33
N GLN B 302 22.56 -11.08 2.17
CA GLN B 302 23.89 -10.91 1.64
C GLN B 302 24.52 -9.64 2.16
N LEU B 303 23.73 -8.56 2.28
CA LEU B 303 24.20 -7.36 2.96
C LEU B 303 24.62 -7.71 4.38
N HIS B 304 23.81 -8.52 5.05
CA HIS B 304 24.17 -8.82 6.43
C HIS B 304 25.47 -9.61 6.52
N ARG B 305 25.65 -10.61 5.65
CA ARG B 305 26.87 -11.40 5.70
C ARG B 305 28.08 -10.53 5.41
N PHE B 306 27.98 -9.71 4.37
CA PHE B 306 29.14 -8.90 4.10
C PHE B 306 29.41 -7.91 5.23
N LEU B 307 28.41 -7.20 5.74
CA LEU B 307 28.75 -6.30 6.84
C LEU B 307 29.17 -7.04 8.10
N ALA B 308 28.56 -8.20 8.38
CA ALA B 308 28.96 -8.86 9.63
C ALA B 308 30.36 -9.48 9.49
N GLU B 309 30.70 -10.00 8.31
CA GLU B 309 32.09 -10.37 8.08
C GLU B 309 33.01 -9.14 8.27
N ASP B 310 32.99 -8.14 7.38
CA ASP B 310 33.92 -7.01 7.54
C ASP B 310 33.93 -6.42 8.97
N ALA B 311 32.87 -6.62 9.77
CA ALA B 311 32.86 -6.03 11.11
C ALA B 311 33.88 -6.70 12.02
N LEU B 312 34.05 -8.03 11.89
CA LEU B 312 34.86 -8.85 12.80
C LEU B 312 36.32 -9.05 12.34
N ASN B 313 36.83 -8.20 11.45
CA ASN B 313 38.28 -8.15 11.16
C ASN B 313 38.70 -6.73 10.73
#